data_1E9A
#
_entry.id   1E9A
#
_cell.length_a   101.600
_cell.length_b   101.600
_cell.length_c   49.850
_cell.angle_alpha   90.00
_cell.angle_beta   90.00
_cell.angle_gamma   90.00
#
_symmetry.space_group_name_H-M   'P 43 21 2'
#
loop_
_entity.id
_entity.type
_entity.pdbx_description
1 polymer 'THYMIDYLATE KINASE'
2 non-polymer "P1-(5'-ADENOSYL)P5-(5'-(3'AZIDO-3'-DEOXYTHYMIDYL))PENTAPHOSPHATE"
3 non-polymer 'MAGNESIUM ION'
4 water water
#
_entity_poly.entity_id   1
_entity_poly.type   'polypeptide(L)'
_entity_poly.pdbx_seq_one_letter_code
;GSHMAARRGALIVLEGVDRAGKSTQSRKLVEALCAAGHRAELLRFPERSTEIGKLLSSYLQKKSDVEDHSVHLLFSANRW
EQVPLIKEKLSQGVTLVVDRYAFSGVAFTGAKENFSLDWCKQPDVGLPKPDLVLFLQLQLADAAKRGAFGHERYENGAFQ
ERALRCFHQLMKDTTLNWKMVDASKSIEAVHEDIRVLSEDAIATATEKPLGELWK
;
_entity_poly.pdbx_strand_id   A
#
loop_
_chem_comp.id
_chem_comp.type
_chem_comp.name
_chem_comp.formula
MG non-polymer 'MAGNESIUM ION' 'Mg 2'
Z5A non-polymer P1-(5'-ADENOSYL)P5-(5'-(3'AZIDO-3'-DEOXYTHYMIDYL))PENTAPHOSPHATE 'C20 H24 N10 O22 P5 -5'
#
# COMPACT_ATOMS: atom_id res chain seq x y z
N ARG A 7 -8.61 9.72 21.57
CA ARG A 7 -9.31 9.07 20.41
C ARG A 7 -8.28 8.81 19.31
N ARG A 8 -7.91 7.53 19.15
CA ARG A 8 -6.83 7.30 18.18
C ARG A 8 -7.20 7.58 16.73
N GLY A 9 -6.16 7.85 15.92
CA GLY A 9 -6.32 8.00 14.47
C GLY A 9 -6.46 6.61 13.84
N ALA A 10 -6.89 6.56 12.59
CA ALA A 10 -7.02 5.36 11.80
C ALA A 10 -5.75 5.13 10.94
N LEU A 11 -5.45 3.86 10.70
CA LEU A 11 -4.30 3.50 9.85
C LEU A 11 -4.91 3.04 8.53
N ILE A 12 -4.77 3.83 7.47
CA ILE A 12 -5.37 3.54 6.19
C ILE A 12 -4.27 3.27 5.16
N VAL A 13 -4.34 2.10 4.51
CA VAL A 13 -3.34 1.79 3.49
C VAL A 13 -3.97 1.74 2.11
N LEU A 14 -3.25 2.27 1.13
CA LEU A 14 -3.64 2.17 -0.28
C LEU A 14 -2.66 1.18 -0.96
N GLU A 15 -3.26 0.17 -1.59
CA GLU A 15 -2.49 -0.81 -2.36
C GLU A 15 -3.07 -0.89 -3.79
N GLY A 16 -2.43 -1.51 -4.78
N GLY A 16 -2.26 -1.59 -4.57
CA GLY A 16 -3.14 -1.49 -6.07
CA GLY A 16 -2.56 -1.83 -5.97
C GLY A 16 -2.29 -1.83 -7.27
C GLY A 16 -1.25 -2.06 -6.74
N VAL A 17 -2.98 -1.99 -8.41
N VAL A 17 -1.40 -2.56 -7.98
CA VAL A 17 -2.25 -2.36 -9.62
CA VAL A 17 -0.21 -2.75 -8.80
C VAL A 17 -1.45 -1.19 -10.17
C VAL A 17 0.22 -1.38 -9.33
N ASP A 18 -0.44 -1.54 -10.95
N ASP A 18 1.31 -1.38 -10.08
CA ASP A 18 0.48 -0.57 -11.53
CA ASP A 18 1.87 -0.16 -10.64
C ASP A 18 -0.23 0.61 -12.18
C ASP A 18 0.89 0.64 -11.49
N ARG A 19 0.26 1.80 -11.87
N ARG A 19 0.84 1.95 -11.28
CA ARG A 19 -0.32 3.03 -12.37
CA ARG A 19 0.02 2.89 -12.03
C ARG A 19 -1.79 3.05 -11.98
C ARG A 19 -1.49 2.92 -11.89
N ALA A 20 -2.07 2.42 -10.82
CA ALA A 20 -3.47 2.40 -10.43
C ALA A 20 -3.90 3.74 -9.84
N GLY A 21 -2.91 4.52 -9.41
CA GLY A 21 -3.23 5.80 -8.80
C GLY A 21 -3.04 5.85 -7.29
N LYS A 22 -2.24 4.98 -6.69
CA LYS A 22 -2.02 5.00 -5.25
C LYS A 22 -1.46 6.32 -4.74
N SER A 23 -0.41 6.85 -5.39
CA SER A 23 0.21 8.06 -4.89
C SER A 23 -0.70 9.29 -5.06
N THR A 24 -1.32 9.35 -6.26
CA THR A 24 -2.25 10.47 -6.46
C THR A 24 -3.37 10.44 -5.43
N GLN A 25 -4.00 9.27 -5.21
CA GLN A 25 -5.10 9.20 -4.26
C GLN A 25 -4.67 9.34 -2.81
N SER A 26 -3.45 8.91 -2.50
CA SER A 26 -2.99 9.08 -1.12
C SER A 26 -2.84 10.57 -0.82
N ARG A 27 -2.21 11.32 -1.77
CA ARG A 27 -2.05 12.76 -1.57
C ARG A 27 -3.39 13.48 -1.48
N LYS A 28 -4.30 13.13 -2.39
CA LYS A 28 -5.62 13.79 -2.36
C LYS A 28 -6.42 13.47 -1.09
N LEU A 29 -6.28 12.22 -0.62
CA LEU A 29 -7.02 11.85 0.59
C LEU A 29 -6.56 12.66 1.78
N VAL A 30 -5.25 12.79 1.98
CA VAL A 30 -4.75 13.57 3.13
C VAL A 30 -5.22 15.01 3.02
N GLU A 31 -5.14 15.56 1.80
CA GLU A 31 -5.57 16.95 1.63
C GLU A 31 -7.04 17.11 2.01
N ALA A 32 -7.88 16.18 1.55
CA ALA A 32 -9.32 16.31 1.83
C ALA A 32 -9.64 16.11 3.31
N LEU A 33 -8.97 15.15 3.92
CA LEU A 33 -9.25 14.90 5.35
C LEU A 33 -8.87 16.11 6.17
N CYS A 34 -7.70 16.72 5.93
CA CYS A 34 -7.28 17.90 6.65
C CYS A 34 -8.21 19.08 6.39
N ALA A 35 -8.73 19.20 5.16
CA ALA A 35 -9.63 20.33 4.89
C ALA A 35 -10.94 20.12 5.62
N ALA A 36 -11.31 18.91 5.97
CA ALA A 36 -12.53 18.55 6.68
C ALA A 36 -12.30 18.48 8.19
N GLY A 37 -11.19 19.08 8.66
CA GLY A 37 -10.90 19.17 10.08
C GLY A 37 -10.21 18.02 10.77
N HIS A 38 -9.89 16.95 10.02
CA HIS A 38 -9.15 15.85 10.62
C HIS A 38 -7.65 16.16 10.67
N ARG A 39 -6.98 15.53 11.61
CA ARG A 39 -5.52 15.51 11.62
C ARG A 39 -5.09 14.25 10.87
N ALA A 40 -4.52 14.44 9.68
CA ALA A 40 -4.11 13.28 8.89
C ALA A 40 -2.78 13.61 8.24
N GLU A 41 -1.94 12.57 8.09
CA GLU A 41 -0.63 12.72 7.51
C GLU A 41 -0.34 11.55 6.54
N LEU A 42 0.49 11.82 5.56
CA LEU A 42 0.90 10.85 4.54
C LEU A 42 2.22 10.15 4.85
N LEU A 43 2.20 8.82 4.63
CA LEU A 43 3.44 8.02 4.73
C LEU A 43 3.51 7.19 3.46
N ARG A 44 4.69 6.64 3.13
CA ARG A 44 4.77 5.77 1.96
C ARG A 44 5.86 4.73 2.22
N PHE A 45 5.70 3.60 1.54
CA PHE A 45 6.77 2.58 1.60
C PHE A 45 7.11 2.22 0.17
N PRO A 46 8.38 2.00 -0.17
CA PRO A 46 9.47 2.21 0.74
C PRO A 46 9.66 3.66 1.11
N GLU A 47 10.16 3.86 2.30
CA GLU A 47 10.50 5.21 2.77
C GLU A 47 11.97 5.33 2.37
N ARG A 48 12.24 6.04 1.29
CA ARG A 48 13.61 6.04 0.74
C ARG A 48 14.57 6.94 1.44
N SER A 49 14.18 7.68 2.46
CA SER A 49 15.06 8.62 3.12
C SER A 49 16.01 8.01 4.14
N THR A 50 15.73 6.84 4.67
CA THR A 50 16.62 6.28 5.71
C THR A 50 17.78 5.52 5.10
N GLU A 51 18.72 5.04 5.90
CA GLU A 51 19.85 4.26 5.38
C GLU A 51 19.34 3.06 4.61
N ILE A 52 18.37 2.36 5.20
CA ILE A 52 17.80 1.20 4.48
C ILE A 52 17.05 1.62 3.23
N GLY A 53 16.30 2.73 3.33
CA GLY A 53 15.54 3.24 2.18
C GLY A 53 16.43 3.59 1.00
N LYS A 54 17.63 4.12 1.27
CA LYS A 54 18.56 4.42 0.17
C LYS A 54 19.06 3.16 -0.54
N LEU A 55 19.29 2.08 0.24
CA LEU A 55 19.66 0.81 -0.41
C LEU A 55 18.52 0.31 -1.29
N LEU A 56 17.28 0.46 -0.79
CA LEU A 56 16.12 0.01 -1.55
C LEU A 56 15.89 0.83 -2.82
N SER A 57 16.15 2.14 -2.69
CA SER A 57 15.95 3.01 -3.85
C SER A 57 16.97 2.69 -4.95
N SER A 58 18.22 2.45 -4.52
CA SER A 58 19.26 2.08 -5.50
C SER A 58 18.91 0.77 -6.18
N TYR A 59 18.37 -0.20 -5.44
CA TYR A 59 17.98 -1.49 -6.02
C TYR A 59 16.85 -1.32 -7.05
N LEU A 60 15.84 -0.53 -6.69
CA LEU A 60 14.69 -0.35 -7.58
C LEU A 60 15.09 0.38 -8.86
N GLN A 61 16.07 1.27 -8.75
CA GLN A 61 16.52 2.00 -9.92
C GLN A 61 17.50 1.19 -10.78
N LYS A 62 17.77 -0.03 -10.36
CA LYS A 62 18.71 -0.90 -11.05
C LYS A 62 20.13 -0.38 -10.97
N LYS A 63 20.44 0.44 -9.98
CA LYS A 63 21.80 0.95 -9.78
C LYS A 63 22.61 -0.04 -8.96
N SER A 64 21.88 -1.01 -8.37
CA SER A 64 22.58 -2.06 -7.62
C SER A 64 21.74 -3.32 -7.67
N ASP A 65 22.38 -4.45 -7.44
CA ASP A 65 21.66 -5.72 -7.39
C ASP A 65 21.77 -6.18 -5.93
N VAL A 66 20.72 -6.83 -5.47
CA VAL A 66 20.62 -7.28 -4.09
C VAL A 66 19.94 -8.65 -4.12
N GLU A 67 20.52 -9.58 -3.38
CA GLU A 67 19.99 -10.94 -3.26
C GLU A 67 18.50 -10.90 -2.91
N ASP A 68 17.66 -11.75 -3.50
CA ASP A 68 16.20 -11.61 -3.36
C ASP A 68 15.67 -11.71 -1.94
N HIS A 69 16.22 -12.62 -1.16
CA HIS A 69 15.77 -12.73 0.24
C HIS A 69 16.25 -11.51 1.04
N SER A 70 17.51 -11.10 0.88
CA SER A 70 17.98 -9.89 1.56
C SER A 70 17.12 -8.67 1.23
N VAL A 71 16.81 -8.44 -0.03
CA VAL A 71 16.01 -7.23 -0.33
C VAL A 71 14.61 -7.33 0.28
N HIS A 72 14.03 -8.51 0.30
CA HIS A 72 12.71 -8.69 0.92
C HIS A 72 12.74 -8.28 2.40
N LEU A 73 13.81 -8.73 3.08
CA LEU A 73 13.95 -8.40 4.51
C LEU A 73 14.24 -6.90 4.69
N LEU A 74 14.98 -6.25 3.77
CA LEU A 74 15.21 -4.81 3.89
C LEU A 74 13.88 -4.06 3.72
N PHE A 75 13.05 -4.50 2.77
CA PHE A 75 11.73 -3.84 2.63
C PHE A 75 10.92 -3.91 3.92
N SER A 76 10.94 -5.05 4.60
CA SER A 76 10.21 -5.21 5.86
C SER A 76 10.87 -4.38 6.95
N ALA A 77 12.21 -4.41 7.06
CA ALA A 77 12.89 -3.62 8.07
C ALA A 77 12.59 -2.12 7.92
N ASN A 78 12.40 -1.70 6.68
CA ASN A 78 12.05 -0.31 6.37
C ASN A 78 10.68 0.07 6.92
N ARG A 79 9.76 -0.86 7.06
CA ARG A 79 8.48 -0.62 7.72
C ARG A 79 8.65 -0.64 9.23
N TRP A 80 9.42 -1.61 9.77
CA TRP A 80 9.59 -1.66 11.22
C TRP A 80 10.27 -0.42 11.79
N GLU A 81 11.20 0.18 11.06
CA GLU A 81 11.91 1.36 11.57
C GLU A 81 10.93 2.54 11.73
N GLN A 82 9.80 2.48 11.04
CA GLN A 82 8.80 3.55 11.19
C GLN A 82 7.73 3.20 12.21
N VAL A 83 7.70 2.00 12.81
CA VAL A 83 6.63 1.63 13.74
C VAL A 83 6.53 2.49 14.97
N PRO A 84 7.60 2.92 15.60
CA PRO A 84 7.50 3.82 16.75
C PRO A 84 6.83 5.14 16.35
N LEU A 85 7.13 5.70 15.20
CA LEU A 85 6.45 6.91 14.72
C LEU A 85 4.98 6.65 14.42
N ILE A 86 4.69 5.52 13.77
CA ILE A 86 3.30 5.18 13.43
C ILE A 86 2.45 5.06 14.69
N LYS A 87 2.95 4.34 15.70
CA LYS A 87 2.16 4.17 16.93
C LYS A 87 2.02 5.50 17.68
N GLU A 88 3.06 6.33 17.66
CA GLU A 88 2.94 7.61 18.37
C GLU A 88 1.87 8.48 17.69
N LYS A 89 1.96 8.58 16.35
CA LYS A 89 0.96 9.41 15.67
C LYS A 89 -0.47 8.93 15.87
N LEU A 90 -0.71 7.63 15.72
CA LEU A 90 -2.06 7.11 15.88
C LEU A 90 -2.57 7.38 17.30
N SER A 91 -1.67 7.22 18.27
CA SER A 91 -2.10 7.41 19.66
C SER A 91 -2.42 8.88 19.93
N GLN A 92 -1.88 9.79 19.15
CA GLN A 92 -2.14 11.22 19.35
C GLN A 92 -3.38 11.70 18.60
N GLY A 93 -4.04 10.80 17.91
CA GLY A 93 -5.26 11.07 17.16
C GLY A 93 -5.01 11.43 15.71
N VAL A 94 -3.80 11.12 15.20
CA VAL A 94 -3.52 11.48 13.80
C VAL A 94 -3.80 10.25 12.94
N THR A 95 -4.63 10.41 11.92
CA THR A 95 -4.90 9.37 10.94
C THR A 95 -3.75 9.34 9.95
N LEU A 96 -3.25 8.14 9.63
CA LEU A 96 -2.15 8.00 8.71
C LEU A 96 -2.64 7.33 7.43
N VAL A 97 -2.33 7.91 6.30
CA VAL A 97 -2.65 7.40 4.98
C VAL A 97 -1.33 6.88 4.39
N VAL A 98 -1.26 5.60 4.13
CA VAL A 98 0.04 4.97 3.72
C VAL A 98 0.00 4.43 2.31
N ASP A 99 0.88 4.94 1.47
CA ASP A 99 1.01 4.55 0.04
C ASP A 99 1.92 3.33 -0.03
N ARG A 100 1.31 2.16 -0.08
CA ARG A 100 1.93 0.85 -0.08
C ARG A 100 2.33 0.44 1.37
N TYR A 101 2.20 -0.89 1.61
CA TYR A 101 2.59 -1.37 2.95
C TYR A 101 3.08 -2.82 2.85
N ALA A 102 2.79 -3.66 3.85
CA ALA A 102 3.32 -5.04 3.80
C ALA A 102 2.77 -5.88 2.65
N PHE A 103 1.57 -5.52 2.16
CA PHE A 103 0.94 -6.31 1.11
C PHE A 103 1.75 -6.23 -0.17
N SER A 104 2.24 -5.04 -0.55
CA SER A 104 3.14 -4.91 -1.69
C SER A 104 4.42 -5.71 -1.40
N GLY A 105 4.88 -5.67 -0.15
CA GLY A 105 6.11 -6.43 0.17
C GLY A 105 5.93 -7.90 -0.16
N VAL A 106 4.83 -8.50 0.23
CA VAL A 106 4.56 -9.92 -0.01
C VAL A 106 4.27 -10.21 -1.46
N ALA A 107 3.46 -9.34 -2.07
CA ALA A 107 3.10 -9.59 -3.47
C ALA A 107 4.26 -9.49 -4.44
N PHE A 108 5.20 -8.57 -4.25
CA PHE A 108 6.29 -8.40 -5.19
C PHE A 108 7.34 -9.49 -4.99
N THR A 109 7.70 -9.83 -3.74
CA THR A 109 8.66 -10.94 -3.63
C THR A 109 8.01 -12.28 -3.98
N GLY A 110 6.73 -12.43 -3.68
CA GLY A 110 6.01 -13.69 -3.88
C GLY A 110 5.81 -13.93 -5.38
N ALA A 111 6.00 -12.91 -6.18
CA ALA A 111 5.91 -13.04 -7.64
C ALA A 111 7.17 -13.71 -8.19
N LYS A 112 8.24 -13.73 -7.39
CA LYS A 112 9.49 -14.37 -7.85
C LYS A 112 9.40 -15.86 -7.66
N GLU A 113 10.22 -16.63 -8.42
CA GLU A 113 10.19 -18.08 -8.27
C GLU A 113 10.74 -18.55 -6.93
N ASN A 114 10.11 -19.60 -6.43
CA ASN A 114 10.55 -20.24 -5.19
C ASN A 114 10.48 -19.39 -3.93
N PHE A 115 9.45 -18.53 -3.86
CA PHE A 115 9.16 -17.72 -2.69
C PHE A 115 7.74 -18.01 -2.23
N SER A 116 7.56 -18.72 -1.12
CA SER A 116 6.19 -19.01 -0.69
C SER A 116 5.53 -17.79 -0.07
N LEU A 117 4.21 -17.68 -0.19
CA LEU A 117 3.55 -16.54 0.47
C LEU A 117 3.81 -16.58 1.98
N ASP A 118 3.85 -17.79 2.57
CA ASP A 118 4.12 -17.89 4.00
C ASP A 118 5.46 -17.26 4.36
N TRP A 119 6.54 -17.65 3.69
CA TRP A 119 7.85 -17.10 4.03
C TRP A 119 7.86 -15.58 3.86
N CYS A 120 7.18 -15.11 2.80
CA CYS A 120 7.14 -13.69 2.51
C CYS A 120 6.41 -12.88 3.58
N LYS A 121 5.34 -13.46 4.13
CA LYS A 121 4.60 -12.75 5.17
C LYS A 121 5.34 -12.59 6.50
N GLN A 122 6.14 -13.60 6.90
CA GLN A 122 6.65 -13.62 8.28
C GLN A 122 7.33 -12.37 8.81
N PRO A 123 8.25 -11.76 8.06
CA PRO A 123 8.94 -10.59 8.61
C PRO A 123 7.97 -9.48 9.03
N ASP A 124 6.86 -9.36 8.32
CA ASP A 124 5.90 -8.29 8.64
C ASP A 124 4.85 -8.68 9.69
N VAL A 125 4.89 -9.93 10.13
CA VAL A 125 3.95 -10.33 11.17
C VAL A 125 4.15 -9.49 12.42
N GLY A 126 3.02 -8.91 12.94
CA GLY A 126 3.16 -8.07 14.12
C GLY A 126 3.16 -6.57 13.86
N LEU A 127 3.29 -6.15 12.60
CA LEU A 127 3.26 -4.70 12.32
C LEU A 127 1.89 -4.13 12.70
N PRO A 128 1.81 -2.82 12.86
CA PRO A 128 0.51 -2.19 13.10
C PRO A 128 -0.46 -2.67 12.03
N LYS A 129 -1.65 -3.14 12.40
CA LYS A 129 -2.64 -3.62 11.45
C LYS A 129 -3.47 -2.48 10.89
N PRO A 130 -3.53 -2.32 9.58
CA PRO A 130 -4.37 -1.29 9.02
C PRO A 130 -5.85 -1.49 9.43
N ASP A 131 -6.51 -0.34 9.64
CA ASP A 131 -7.96 -0.39 9.91
C ASP A 131 -8.75 -0.49 8.63
N LEU A 132 -8.13 -0.11 7.51
CA LEU A 132 -8.73 -0.15 6.19
C LEU A 132 -7.65 -0.37 5.13
N VAL A 133 -7.88 -1.31 4.23
CA VAL A 133 -6.93 -1.53 3.15
C VAL A 133 -7.68 -1.33 1.84
N LEU A 134 -7.33 -0.26 1.13
CA LEU A 134 -7.99 0.00 -0.16
C LEU A 134 -7.20 -0.67 -1.27
N PHE A 135 -7.87 -1.38 -2.17
CA PHE A 135 -7.12 -1.98 -3.29
C PHE A 135 -7.62 -1.34 -4.58
N LEU A 136 -6.77 -0.57 -5.22
CA LEU A 136 -7.17 0.15 -6.44
C LEU A 136 -7.07 -0.75 -7.67
N GLN A 137 -8.27 -1.21 -8.14
CA GLN A 137 -8.30 -2.13 -9.28
C GLN A 137 -8.39 -1.42 -10.61
N LEU A 138 -7.61 -1.94 -11.52
N LEU A 138 -7.66 -1.85 -11.63
CA LEU A 138 -7.53 -1.40 -12.87
CA LEU A 138 -7.68 -1.23 -12.96
C LEU A 138 -6.96 -2.51 -13.75
C LEU A 138 -7.36 -2.25 -14.06
N GLN A 139 -7.49 -2.65 -14.95
N GLN A 139 -8.13 -2.28 -15.14
CA GLN A 139 -6.92 -3.67 -15.86
CA GLN A 139 -7.84 -3.19 -16.25
C GLN A 139 -5.44 -3.37 -16.02
C GLN A 139 -6.59 -2.69 -16.98
N LEU A 140 -4.61 -4.40 -15.92
N LEU A 140 -5.73 -3.60 -17.44
CA LEU A 140 -3.18 -4.15 -16.10
CA LEU A 140 -4.48 -3.21 -18.09
C LEU A 140 -2.98 -3.39 -17.40
C LEU A 140 -4.66 -2.31 -19.30
N ALA A 141 -3.96 -3.47 -18.29
N ALA A 141 -5.78 -2.41 -20.02
CA ALA A 141 -3.87 -2.76 -19.57
CA ALA A 141 -5.97 -1.54 -21.18
C ALA A 141 -4.37 -1.33 -19.54
C ALA A 141 -6.06 -0.10 -20.69
N ASP A 142 -5.40 -0.99 -18.79
N ASP A 142 -6.70 0.08 -19.54
CA ASP A 142 -5.87 0.40 -18.75
CA ASP A 142 -6.83 1.42 -18.96
C ASP A 142 -4.78 1.23 -18.08
C ASP A 142 -5.53 1.84 -18.31
N ALA A 143 -3.91 0.50 -17.37
N ALA A 143 -4.74 0.90 -17.79
CA ALA A 143 -2.79 1.13 -16.69
CA ALA A 143 -3.47 1.29 -17.17
C ALA A 143 -1.70 1.45 -17.71
C ALA A 143 -2.49 1.74 -18.26
N ALA A 144 -1.81 0.80 -18.86
N ALA A 144 -2.47 0.98 -19.35
CA ALA A 144 -0.90 1.02 -19.98
CA ALA A 144 -1.59 1.22 -20.48
C ALA A 144 -1.24 2.34 -20.64
C ALA A 144 -1.80 2.64 -21.00
N LYS A 145 -2.53 2.64 -20.78
N LYS A 145 -3.08 3.01 -20.97
CA LYS A 145 -2.96 3.90 -21.39
CA LYS A 145 -3.42 4.37 -21.37
C LYS A 145 -2.46 5.08 -20.56
C LYS A 145 -2.76 5.29 -20.34
N ARG A 146 -2.00 4.78 -19.36
CA ARG A 146 -1.45 5.70 -18.38
C ARG A 146 0.07 5.73 -18.30
N GLY A 147 0.68 5.95 -19.45
CA GLY A 147 2.15 6.01 -19.49
C GLY A 147 2.69 4.67 -19.98
N ALA A 148 4.00 4.57 -19.90
CA ALA A 148 4.68 3.36 -20.35
C ALA A 148 5.67 2.83 -19.33
N PHE A 149 5.92 1.53 -19.42
CA PHE A 149 6.87 0.88 -18.52
C PHE A 149 8.18 1.66 -18.51
N GLY A 150 8.71 1.84 -17.30
CA GLY A 150 9.94 2.60 -17.15
C GLY A 150 11.17 1.71 -17.00
N HIS A 151 12.21 2.34 -16.50
CA HIS A 151 13.50 1.72 -16.26
C HIS A 151 13.57 1.10 -14.87
N GLU A 152 12.57 1.33 -14.00
CA GLU A 152 12.62 0.76 -12.66
C GLU A 152 12.34 -0.74 -12.65
N ARG A 153 12.87 -1.38 -11.59
CA ARG A 153 12.67 -2.82 -11.43
C ARG A 153 11.19 -3.15 -11.27
N TYR A 154 10.80 -4.33 -11.73
CA TYR A 154 9.48 -4.89 -11.63
C TYR A 154 8.45 -4.26 -12.56
N GLU A 155 8.90 -3.30 -13.36
CA GLU A 155 8.00 -2.61 -14.28
C GLU A 155 7.89 -3.26 -15.65
N ASN A 156 7.34 -4.46 -15.67
CA ASN A 156 7.07 -5.24 -16.86
C ASN A 156 5.78 -6.03 -16.61
N GLY A 157 5.01 -6.23 -17.67
CA GLY A 157 3.73 -6.91 -17.57
C GLY A 157 3.68 -8.29 -17.00
N ALA A 158 4.63 -9.18 -17.34
CA ALA A 158 4.54 -10.54 -16.83
C ALA A 158 4.78 -10.55 -15.30
N PHE A 159 5.70 -9.69 -14.89
CA PHE A 159 5.93 -9.69 -13.42
C PHE A 159 4.75 -9.03 -12.71
N GLN A 160 4.21 -7.94 -13.27
CA GLN A 160 3.05 -7.30 -12.59
C GLN A 160 1.89 -8.27 -12.45
N GLU A 161 1.70 -9.14 -13.45
CA GLU A 161 0.62 -10.12 -13.43
C GLU A 161 0.78 -11.14 -12.32
N ARG A 162 2.03 -11.59 -12.08
CA ARG A 162 2.28 -12.50 -10.97
C ARG A 162 2.08 -11.77 -9.62
N ALA A 163 2.47 -10.50 -9.55
CA ALA A 163 2.24 -9.79 -8.28
C ALA A 163 0.73 -9.65 -8.02
N LEU A 164 0.01 -9.37 -9.10
CA LEU A 164 -1.46 -9.25 -8.95
C LEU A 164 -2.07 -10.53 -8.40
N ARG A 165 -1.64 -11.71 -8.86
CA ARG A 165 -2.17 -12.97 -8.35
C ARG A 165 -1.91 -13.11 -6.85
N CYS A 166 -0.71 -12.65 -6.43
CA CYS A 166 -0.39 -12.72 -5.01
C CYS A 166 -1.35 -11.80 -4.24
N PHE A 167 -1.56 -10.59 -4.76
CA PHE A 167 -2.50 -9.69 -4.07
C PHE A 167 -3.85 -10.40 -3.88
N HIS A 168 -4.36 -11.06 -4.90
CA HIS A 168 -5.67 -11.73 -4.76
C HIS A 168 -5.62 -12.81 -3.70
N GLN A 169 -4.50 -13.51 -3.56
CA GLN A 169 -4.41 -14.48 -2.44
C GLN A 169 -4.46 -13.78 -1.08
N LEU A 170 -3.83 -12.60 -0.95
CA LEU A 170 -3.84 -11.89 0.32
C LEU A 170 -5.23 -11.34 0.67
N MET A 171 -6.03 -11.10 -0.34
CA MET A 171 -7.37 -10.57 -0.14
C MET A 171 -8.35 -11.58 0.44
N LYS A 172 -7.99 -12.84 0.41
CA LYS A 172 -8.83 -13.88 1.00
C LYS A 172 -8.77 -13.82 2.52
N ASP A 173 -7.78 -13.07 3.03
CA ASP A 173 -7.61 -12.96 4.48
C ASP A 173 -8.68 -12.08 5.10
N THR A 174 -9.68 -12.71 5.71
CA THR A 174 -10.79 -12.10 6.41
C THR A 174 -10.39 -11.37 7.67
N THR A 175 -9.13 -11.48 8.13
CA THR A 175 -8.80 -10.71 9.34
C THR A 175 -8.68 -9.24 8.95
N LEU A 176 -8.64 -8.94 7.64
CA LEU A 176 -8.39 -7.56 7.23
C LEU A 176 -9.55 -6.87 6.56
N ASN A 177 -9.73 -5.57 6.79
CA ASN A 177 -10.84 -4.81 6.20
C ASN A 177 -10.48 -4.31 4.81
N TRP A 178 -10.51 -5.21 3.81
CA TRP A 178 -10.23 -4.93 2.45
C TRP A 178 -11.44 -4.28 1.74
N LYS A 179 -11.20 -3.20 1.02
CA LYS A 179 -12.24 -2.55 0.24
C LYS A 179 -11.72 -2.38 -1.18
N MET A 180 -12.43 -2.90 -2.16
CA MET A 180 -12.06 -2.75 -3.56
C MET A 180 -12.49 -1.37 -4.07
N VAL A 181 -11.62 -0.75 -4.83
CA VAL A 181 -11.93 0.55 -5.44
C VAL A 181 -11.81 0.44 -6.95
N ASP A 182 -12.79 0.97 -7.67
CA ASP A 182 -12.72 0.96 -9.14
C ASP A 182 -11.85 2.12 -9.61
N ALA A 183 -10.57 1.86 -9.80
CA ALA A 183 -9.63 2.93 -10.14
C ALA A 183 -9.62 3.34 -11.59
N SER A 184 -10.53 2.79 -12.41
CA SER A 184 -10.63 3.16 -13.82
C SER A 184 -11.37 4.46 -14.01
N LYS A 185 -12.05 4.97 -12.99
CA LYS A 185 -12.80 6.22 -13.10
C LYS A 185 -11.88 7.44 -13.11
N SER A 186 -12.45 8.64 -13.14
CA SER A 186 -11.61 9.84 -13.17
C SER A 186 -10.88 9.99 -11.84
N ILE A 187 -9.86 10.82 -11.82
CA ILE A 187 -9.18 11.08 -10.54
C ILE A 187 -10.13 11.56 -9.47
N GLU A 188 -11.05 12.51 -9.78
CA GLU A 188 -11.96 13.02 -8.79
C GLU A 188 -13.00 11.98 -8.37
N ALA A 189 -13.46 11.14 -9.29
CA ALA A 189 -14.49 10.16 -8.88
C ALA A 189 -13.90 9.10 -7.97
N VAL A 190 -12.67 8.67 -8.36
CA VAL A 190 -12.00 7.66 -7.52
C VAL A 190 -11.77 8.24 -6.12
N HIS A 191 -11.32 9.50 -6.08
CA HIS A 191 -11.07 10.18 -4.81
C HIS A 191 -12.31 10.20 -3.94
N GLU A 192 -13.45 10.57 -4.53
CA GLU A 192 -14.67 10.63 -3.72
C GLU A 192 -15.01 9.26 -3.15
N ASP A 193 -14.80 8.20 -3.93
CA ASP A 193 -15.07 6.85 -3.40
C ASP A 193 -14.18 6.53 -2.21
N ILE A 194 -12.88 6.86 -2.35
CA ILE A 194 -11.90 6.61 -1.29
C ILE A 194 -12.14 7.46 -0.06
N ARG A 195 -12.51 8.73 -0.27
CA ARG A 195 -12.77 9.66 0.82
C ARG A 195 -13.94 9.21 1.72
N VAL A 196 -15.02 8.77 1.10
CA VAL A 196 -16.16 8.29 1.90
C VAL A 196 -15.84 7.03 2.66
N LEU A 197 -15.11 6.10 2.03
CA LEU A 197 -14.71 4.89 2.80
C LEU A 197 -13.80 5.25 3.97
N SER A 198 -12.90 6.21 3.74
CA SER A 198 -11.97 6.68 4.75
C SER A 198 -12.66 7.36 5.93
N GLU A 199 -13.62 8.27 5.66
CA GLU A 199 -14.33 8.88 6.77
C GLU A 199 -15.01 7.82 7.65
N ASP A 200 -15.60 6.83 7.01
CA ASP A 200 -16.28 5.78 7.82
C ASP A 200 -15.28 5.04 8.67
N ALA A 201 -14.12 4.68 8.12
CA ALA A 201 -13.11 3.99 8.89
C ALA A 201 -12.57 4.81 10.06
N ILE A 202 -12.39 6.13 9.87
CA ILE A 202 -11.85 6.99 10.90
C ILE A 202 -12.79 7.02 12.12
N ALA A 203 -14.06 7.07 11.81
CA ALA A 203 -15.09 7.07 12.86
C ALA A 203 -15.11 5.74 13.61
N THR A 204 -15.67 4.80 12.86
N THR A 204 -14.90 4.61 12.94
CA THR A 204 -16.01 3.46 13.29
CA THR A 204 -14.84 3.33 13.67
C THR A 204 -14.87 2.53 13.63
C THR A 204 -13.51 3.04 14.33
N ALA A 205 -13.98 2.30 12.68
N ALA A 205 -12.37 3.53 13.85
CA ALA A 205 -12.87 1.38 12.82
CA ALA A 205 -11.09 3.23 14.47
C ALA A 205 -11.98 1.71 14.00
C ALA A 205 -10.93 3.72 15.90
N THR A 206 -11.99 2.95 14.46
N THR A 206 -11.67 4.76 16.28
CA THR A 206 -11.14 3.39 15.55
CA THR A 206 -11.60 5.29 17.63
C THR A 206 -11.65 3.09 16.96
C THR A 206 -12.21 4.31 18.63
N GLU A 207 -12.88 2.65 17.19
N GLU A 207 -12.85 3.24 18.17
CA GLU A 207 -13.31 2.41 18.59
CA GLU A 207 -13.49 2.28 19.03
C GLU A 207 -12.61 1.23 19.25
C GLU A 207 -12.71 1.02 19.39
N LYS A 208 -11.89 0.45 18.49
CA LYS A 208 -11.14 -0.73 18.95
C LYS A 208 -9.66 -0.41 18.92
N PRO A 209 -8.85 -1.03 19.76
CA PRO A 209 -7.43 -0.80 19.77
C PRO A 209 -6.79 -1.20 18.43
N LEU A 210 -5.66 -0.56 18.19
CA LEU A 210 -4.85 -0.87 16.99
C LEU A 210 -4.48 -2.36 17.09
N GLY A 211 -4.69 -3.10 16.03
CA GLY A 211 -4.37 -4.51 15.92
C GLY A 211 -2.93 -4.77 15.44
N GLU A 212 -2.64 -6.07 15.40
CA GLU A 212 -1.33 -6.55 14.93
C GLU A 212 -1.56 -7.34 13.65
N LEU A 213 -0.74 -7.06 12.62
CA LEU A 213 -0.92 -7.71 11.34
C LEU A 213 -0.52 -9.20 11.31
N TRP A 214 -1.44 -10.04 10.82
CA TRP A 214 -1.13 -11.45 10.60
C TRP A 214 -0.82 -12.23 11.87
N LYS A 215 -1.39 -11.75 12.98
CA LYS A 215 -1.33 -12.48 14.25
C LYS A 215 -2.50 -12.03 15.15
N1T Z5A B . 7.88 -2.82 -3.37
C2T Z5A B . 8.47 -4.06 -3.04
O2T Z5A B . 9.01 -4.80 -3.86
N3T Z5A B . 8.39 -4.38 -1.72
C4T Z5A B . 7.81 -3.56 -0.78
O4T Z5A B . 7.78 -3.92 0.54
C5T Z5A B . 7.24 -2.27 -1.20
C6T Z5A B . 7.32 -1.92 -2.53
C7T Z5A B . 6.60 -1.36 -0.20
C5' Z5A B . 8.37 1.04 -6.06
O5' Z5A B . 7.09 1.42 -5.51
C4' Z5A B . 8.44 -0.52 -6.06
O4' Z5A B . 8.67 -1.20 -4.82
C3' Z5A B . 7.21 -1.11 -6.67
C2' Z5A B . 6.64 -2.04 -5.55
C1' Z5A B . 7.94 -2.39 -4.76
NA3 Z5A B . 7.59 -1.97 -7.88
N3B Z5A B . 6.69 -2.01 -8.74
N3C Z5A B . 6.11 -2.02 -9.72
PA Z5A B . 6.37 2.78 -5.98
O1P Z5A B . 5.27 2.88 -4.97
O2P Z5A B . 7.49 3.85 -5.74
OPA Z5A B . 5.99 2.72 -7.41
OPB Z5A B . 2.86 2.21 -8.83
PC Z5A B . 3.43 3.54 -9.05
O5P Z5A B . 4.36 3.64 -10.20
O6P Z5A B . 4.01 4.36 -7.92
OPC Z5A B . 2.07 4.26 -9.53
PD Z5A B . 0.80 4.79 -8.64
O7P Z5A B . 1.40 5.53 -7.52
O8P Z5A B . -0.19 3.73 -8.41
OPD Z5A B . 0.14 5.84 -9.63
PE Z5A B . 0.17 7.44 -9.75
O9P Z5A B . 1.54 8.00 -9.75
OAP Z5A B . -0.78 7.96 -8.74
O5B Z5A B . -0.47 7.65 -11.14
C5B Z5A B . 0.20 7.21 -12.37
C4B Z5A B . -0.17 8.04 -13.46
O4B Z5A B . -1.53 7.89 -13.85
C3B Z5A B . 0.04 9.53 -13.15
O3' Z5A B . 0.44 10.22 -14.35
C2B Z5A B . -1.35 10.01 -12.79
O2' Z5A B . -1.68 11.38 -13.03
C1B Z5A B . -2.24 9.15 -13.73
N9A Z5A B . -3.53 8.82 -13.03
C8A Z5A B . -3.71 8.59 -11.67
N7A Z5A B . -5.01 8.29 -11.49
C5A Z5A B . -5.64 8.37 -12.69
C6A Z5A B . -6.98 8.18 -13.09
N6A Z5A B . -7.92 7.88 -12.20
N1A Z5A B . -7.16 8.34 -14.39
C2A Z5A B . -6.22 8.65 -15.31
N3A Z5A B . -4.94 8.84 -14.98
C4A Z5A B . -4.76 8.70 -13.71
MG MG C . 3.22 5.72 -6.64
MG MG D . 4.77 -20.32 10.69
#